data_2Z6Q
#
_entry.id   2Z6Q
#
_cell.length_a   92.924
_cell.length_b   92.924
_cell.length_c   315.781
_cell.angle_alpha   90.00
_cell.angle_beta   90.00
_cell.angle_gamma   120.00
#
_symmetry.space_group_name_H-M   'H 3 2'
#
loop_
_entity.id
_entity.type
_entity.pdbx_description
1 polymer "DNA (5'-D(*DGP*DAP*DTP*DAP*DGP*DCP*DGP*DCP*DTP*DAP*DTP*DC)-3')"
2 polymer "DNA (5'-D(*DTP*DGP*DAP*DTP*DAP*DG)-3')"
3 polymer "DNA (5'-D(*DGP*DCP*DTP*DAP*DTP*DC)-3')"
4 polymer 'Modification methylase HhaI'
5 non-polymer "2'-DEOXYCYTIDINE"
6 non-polymer S-ADENOSYL-L-HOMOCYSTEINE
7 water water
#
loop_
_entity_poly.entity_id
_entity_poly.type
_entity_poly.pdbx_seq_one_letter_code
_entity_poly.pdbx_strand_id
1 'polydeoxyribonucleotide' (DG)(DA)(DT)(DA)(DG)(DC)(DG)(DC)(DT)(DA)(DT)(DC) C
2 'polydeoxyribonucleotide' (DT)(DG)(DA)(DT)(DA)(DG) D
3 'polydeoxyribonucleotide' (DG)(DC)(DT)(DA)(DT)(DC) E
4 'polypeptide(L)'
;MIEIKDKQLTGLRFIDLFAGLGGFRLALESCGAECVYSNEWDKYAQEVYEMNFGEKPEGDITQVNEKTIPDHDILCAGFP
CQAFSISGKQKGFEDSRGTLFFDIARIVREKKPKVVFMENVKNFASHDNGNTLEVVKNTMNELDYSFHAKVLNALDYGIP
QKREAIYMICFRNDLNIQNFQFPKPFELNTFVKDLLLPDSEVEHLVIDRKDLVMTNQEIEQTTPKTVRLGIVGKGGQGER
IYSTRGIAITLSAYGGGIFAKTGGYLVNGKTRKLHPRECARVMGYPDSYKVHPSTSQAYKQFGNSVVINVLQYIAYNIGS
SLNFKPY
;
A
#
loop_
_chem_comp.id
_chem_comp.type
_chem_comp.name
_chem_comp.formula
DA DNA linking 2'-DEOXYADENOSINE-5'-MONOPHOSPHATE 'C10 H14 N5 O6 P'
DC DNA linking 2'-DEOXYCYTIDINE-5'-MONOPHOSPHATE 'C9 H14 N3 O7 P'
DCZ DNA OH 5 prime terminus 2'-DEOXYCYTIDINE 'C9 H13 N3 O4'
DG DNA linking 2'-DEOXYGUANOSINE-5'-MONOPHOSPHATE 'C10 H14 N5 O7 P'
DT DNA linking THYMIDINE-5'-MONOPHOSPHATE 'C10 H15 N2 O8 P'
#
# COMPACT_ATOMS: atom_id res chain seq x y z
N MET D 1 -8.94 1.99 9.55
CA MET D 1 -9.45 0.95 8.61
C MET D 1 -10.93 0.72 8.88
N ILE D 2 -11.59 0.02 7.98
CA ILE D 2 -13.01 -0.25 8.10
C ILE D 2 -13.26 -1.49 8.96
N GLU D 3 -14.48 -1.65 9.48
CA GLU D 3 -14.79 -2.85 10.27
C GLU D 3 -15.56 -3.86 9.40
N ILE D 4 -15.23 -5.15 9.54
CA ILE D 4 -15.90 -6.21 8.77
C ILE D 4 -16.53 -7.27 9.70
N LYS D 5 -17.79 -7.03 10.09
CA LYS D 5 -18.52 -7.94 10.99
C LYS D 5 -18.31 -9.44 10.73
N ASP D 6 -18.85 -9.95 9.62
CA ASP D 6 -18.68 -11.36 9.28
C ASP D 6 -17.35 -11.51 8.56
N LYS D 7 -16.52 -12.39 9.10
CA LYS D 7 -15.18 -12.62 8.57
C LYS D 7 -15.05 -13.78 7.57
N GLN D 8 -15.17 -13.46 6.29
CA GLN D 8 -15.07 -14.45 5.23
C GLN D 8 -13.84 -15.37 5.34
N LEU D 9 -12.68 -14.77 5.58
CA LEU D 9 -11.44 -15.55 5.63
C LEU D 9 -11.19 -16.37 6.87
N THR D 10 -12.23 -16.68 7.62
CA THR D 10 -12.03 -17.48 8.82
C THR D 10 -11.57 -18.88 8.41
N GLY D 11 -10.59 -19.40 9.15
CA GLY D 11 -10.06 -20.73 8.87
C GLY D 11 -8.90 -20.75 7.88
N LEU D 12 -8.77 -19.70 7.07
CA LEU D 12 -7.69 -19.65 6.09
C LEU D 12 -6.41 -19.06 6.67
N ARG D 13 -5.27 -19.63 6.27
CA ARG D 13 -3.95 -19.20 6.74
C ARG D 13 -3.21 -18.42 5.64
N PHE D 14 -2.51 -17.33 5.99
CA PHE D 14 -1.79 -16.57 4.98
C PHE D 14 -0.32 -16.31 5.28
N ILE D 15 0.37 -15.84 4.25
CA ILE D 15 1.80 -15.52 4.29
C ILE D 15 1.98 -14.03 4.03
N ASP D 16 2.77 -13.39 4.89
CA ASP D 16 3.03 -11.96 4.78
C ASP D 16 4.41 -11.69 4.18
N LEU D 17 4.55 -11.89 2.87
CA LEU D 17 5.83 -11.65 2.21
C LEU D 17 6.07 -10.16 1.99
N PHE D 18 7.34 -9.75 2.02
CA PHE D 18 7.67 -8.34 1.86
C PHE D 18 6.77 -7.61 2.86
N ALA D 19 6.68 -8.17 4.05
CA ALA D 19 5.84 -7.66 5.13
C ALA D 19 5.75 -6.15 5.29
N GLY D 20 6.87 -5.51 5.59
CA GLY D 20 6.85 -4.07 5.78
C GLY D 20 6.16 -3.79 7.10
N LEU D 21 5.11 -2.98 7.07
CA LEU D 21 4.36 -2.64 8.28
C LEU D 21 3.33 -3.71 8.63
N GLY D 22 3.03 -4.57 7.66
CA GLY D 22 2.08 -5.63 7.88
C GLY D 22 0.71 -5.22 7.41
N GLY D 23 0.67 -4.44 6.33
CA GLY D 23 -0.58 -3.99 5.77
C GLY D 23 -1.50 -5.16 5.47
N PHE D 24 -0.99 -6.12 4.72
CA PHE D 24 -1.79 -7.28 4.39
C PHE D 24 -2.19 -8.03 5.64
N ARG D 25 -1.38 -7.94 6.69
CA ARG D 25 -1.72 -8.62 7.93
C ARG D 25 -2.99 -8.02 8.53
N LEU D 26 -3.00 -6.69 8.65
CA LEU D 26 -4.15 -5.98 9.21
C LEU D 26 -5.39 -6.17 8.34
N ALA D 27 -5.19 -6.17 7.03
CA ALA D 27 -6.28 -6.34 6.09
C ALA D 27 -6.91 -7.71 6.23
N LEU D 28 -6.08 -8.75 6.02
CA LEU D 28 -6.53 -10.14 6.10
C LEU D 28 -7.06 -10.52 7.48
N GLU D 29 -6.25 -10.34 8.51
CA GLU D 29 -6.63 -10.69 9.86
C GLU D 29 -8.06 -10.25 10.21
N SER D 30 -8.41 -9.02 9.83
CA SER D 30 -9.75 -8.51 10.10
C SER D 30 -10.79 -9.42 9.45
N CYS D 31 -10.47 -10.01 8.30
CA CYS D 31 -11.40 -10.90 7.62
C CYS D 31 -11.40 -12.30 8.19
N GLY D 32 -10.64 -12.52 9.25
CA GLY D 32 -10.62 -13.83 9.88
C GLY D 32 -9.48 -14.78 9.55
N ALA D 33 -8.51 -14.34 8.76
CA ALA D 33 -7.38 -15.19 8.39
C ALA D 33 -6.29 -15.25 9.47
N GLU D 34 -5.49 -16.30 9.42
CA GLU D 34 -4.40 -16.52 10.36
C GLU D 34 -3.06 -16.45 9.62
N CYS D 35 -2.18 -15.55 10.07
CA CYS D 35 -0.88 -15.37 9.44
C CYS D 35 0.06 -16.43 9.98
N VAL D 36 0.66 -17.22 9.10
CA VAL D 36 1.56 -18.28 9.53
C VAL D 36 3.02 -18.10 9.07
N TYR D 37 3.39 -16.89 8.69
CA TYR D 37 4.75 -16.61 8.24
C TYR D 37 4.85 -15.22 7.60
N SER D 38 5.92 -14.51 7.91
CA SER D 38 6.13 -13.20 7.37
C SER D 38 7.61 -13.08 6.98
N ASN D 39 7.88 -12.22 6.00
CA ASN D 39 9.25 -12.02 5.55
C ASN D 39 9.52 -10.55 5.26
N GLU D 40 10.65 -10.05 5.74
CA GLU D 40 11.02 -8.66 5.56
C GLU D 40 12.50 -8.52 5.96
N TRP D 41 13.32 -8.07 5.03
CA TRP D 41 14.75 -7.96 5.32
C TRP D 41 15.25 -6.64 5.85
N ASP D 42 14.40 -5.62 5.91
CA ASP D 42 14.86 -4.33 6.39
C ASP D 42 14.81 -4.28 7.91
N LYS D 43 15.96 -3.93 8.50
CA LYS D 43 16.13 -3.84 9.95
C LYS D 43 15.07 -3.01 10.68
N TYR D 44 14.72 -1.87 10.10
CA TYR D 44 13.74 -0.96 10.68
C TYR D 44 12.28 -1.41 10.51
N ALA D 45 11.95 -1.92 9.33
CA ALA D 45 10.60 -2.42 9.08
C ALA D 45 10.40 -3.58 10.04
N GLN D 46 11.47 -4.35 10.21
CA GLN D 46 11.50 -5.49 11.12
C GLN D 46 11.08 -5.01 12.50
N GLU D 47 11.71 -3.93 12.95
CA GLU D 47 11.42 -3.37 14.24
C GLU D 47 9.94 -3.10 14.45
N VAL D 48 9.34 -2.27 13.61
CA VAL D 48 7.92 -1.93 13.75
C VAL D 48 7.01 -3.11 13.66
N TYR D 49 7.40 -4.09 12.84
CA TYR D 49 6.59 -5.28 12.71
C TYR D 49 6.57 -5.96 14.08
N GLU D 50 7.72 -6.05 14.71
CA GLU D 50 7.81 -6.68 16.01
C GLU D 50 7.12 -5.86 17.10
N MET D 51 7.08 -4.55 16.94
CA MET D 51 6.43 -3.69 17.92
C MET D 51 4.94 -3.87 17.86
N ASN D 52 4.45 -4.35 16.72
CA ASN D 52 3.02 -4.49 16.52
C ASN D 52 2.47 -5.91 16.44
N PHE D 53 3.31 -6.88 16.11
CA PHE D 53 2.87 -8.26 15.98
C PHE D 53 3.67 -9.19 16.89
N GLY D 54 4.51 -8.61 17.75
CA GLY D 54 5.33 -9.41 18.64
C GLY D 54 6.16 -10.46 17.92
N GLU D 55 6.55 -10.16 16.68
CA GLU D 55 7.33 -11.09 15.87
C GLU D 55 8.34 -10.40 15.00
N LYS D 56 9.38 -11.16 14.62
CA LYS D 56 10.42 -10.63 13.74
C LYS D 56 10.41 -11.44 12.43
N PRO D 57 10.20 -10.76 11.29
CA PRO D 57 10.18 -11.44 9.99
C PRO D 57 11.50 -12.11 9.62
N GLU D 58 11.44 -13.04 8.66
CA GLU D 58 12.63 -13.72 8.17
C GLU D 58 13.27 -12.81 7.10
N GLY D 59 14.59 -12.74 7.09
CA GLY D 59 15.30 -11.89 6.14
C GLY D 59 15.27 -12.36 4.70
N ASP D 60 16.14 -11.75 3.88
CA ASP D 60 16.28 -12.02 2.45
C ASP D 60 15.47 -13.19 1.86
N ILE D 61 14.33 -12.87 1.25
CA ILE D 61 13.48 -13.88 0.66
C ILE D 61 14.21 -14.62 -0.47
N THR D 62 15.22 -13.97 -1.04
CA THR D 62 16.00 -14.56 -2.13
C THR D 62 16.94 -15.63 -1.62
N GLN D 63 16.93 -15.85 -0.31
CA GLN D 63 17.81 -16.86 0.26
C GLN D 63 17.06 -17.86 1.11
N VAL D 64 15.75 -17.73 1.14
CA VAL D 64 14.92 -18.64 1.91
C VAL D 64 14.51 -19.80 1.00
N ASN D 65 14.73 -21.02 1.46
CA ASN D 65 14.35 -22.20 0.67
C ASN D 65 12.83 -22.32 0.74
N GLU D 66 12.16 -22.14 -0.40
CA GLU D 66 10.70 -22.21 -0.44
C GLU D 66 10.18 -23.43 0.32
N LYS D 67 10.89 -24.55 0.27
CA LYS D 67 10.47 -25.75 1.00
C LYS D 67 10.26 -25.40 2.48
N THR D 68 10.93 -24.34 2.92
CA THR D 68 10.87 -23.86 4.30
C THR D 68 9.57 -23.15 4.63
N ILE D 69 9.06 -22.39 3.67
CA ILE D 69 7.83 -21.64 3.90
C ILE D 69 6.70 -22.56 4.35
N PRO D 70 5.95 -22.13 5.38
CA PRO D 70 4.82 -22.89 5.92
C PRO D 70 3.73 -23.05 4.88
N ASP D 71 2.90 -24.07 5.04
CA ASP D 71 1.79 -24.29 4.12
C ASP D 71 0.81 -23.15 4.35
N HIS D 72 0.07 -22.75 3.31
CA HIS D 72 -0.86 -21.64 3.43
C HIS D 72 -1.90 -21.54 2.29
N ASP D 73 -3.02 -20.87 2.58
CA ASP D 73 -4.10 -20.70 1.62
C ASP D 73 -3.94 -19.46 0.76
N ILE D 74 -3.48 -18.39 1.39
CA ILE D 74 -3.29 -17.15 0.69
C ILE D 74 -1.90 -16.59 0.89
N LEU D 75 -1.24 -16.33 -0.24
CA LEU D 75 0.08 -15.76 -0.27
C LEU D 75 -0.08 -14.28 -0.64
N CYS D 76 0.31 -13.40 0.28
CA CYS D 76 0.21 -11.97 0.06
C CYS D 76 1.59 -11.46 -0.24
N ALA D 77 1.70 -10.53 -1.19
CA ALA D 77 3.00 -9.99 -1.54
C ALA D 77 2.95 -8.66 -2.27
N GLY D 78 3.43 -7.62 -1.61
CA GLY D 78 3.50 -6.32 -2.23
C GLY D 78 4.98 -6.12 -2.45
N PHE D 79 5.53 -6.84 -3.43
CA PHE D 79 6.96 -6.76 -3.72
C PHE D 79 7.39 -5.33 -4.09
N PRO D 80 8.72 -5.06 -4.05
CA PRO D 80 9.36 -3.78 -4.37
C PRO D 80 8.89 -3.13 -5.66
N CYS D 81 8.72 -1.81 -5.64
CA CYS D 81 8.24 -1.11 -6.81
C CYS D 81 9.03 0.13 -7.22
N GLN D 82 10.26 0.25 -6.75
CA GLN D 82 11.06 1.41 -7.12
C GLN D 82 11.51 1.28 -8.57
N ALA D 83 11.44 0.09 -9.13
CA ALA D 83 11.90 -0.14 -10.50
C ALA D 83 10.85 0.08 -11.59
N PHE D 84 9.57 0.09 -11.23
CA PHE D 84 8.55 0.29 -12.26
C PHE D 84 7.79 1.60 -12.05
N SER D 85 8.14 2.34 -11.00
CA SER D 85 7.50 3.60 -10.69
C SER D 85 7.76 4.71 -11.69
N ILE D 86 6.73 5.52 -11.93
CA ILE D 86 6.80 6.63 -12.87
C ILE D 86 7.79 7.70 -12.37
N SER D 87 8.30 7.49 -11.17
CA SER D 87 9.21 8.46 -10.56
C SER D 87 10.66 8.02 -10.51
N GLY D 88 10.96 6.84 -11.05
CA GLY D 88 12.31 6.35 -11.03
C GLY D 88 12.94 6.16 -12.40
N LYS D 89 13.83 5.19 -12.51
CA LYS D 89 14.52 4.89 -13.77
C LYS D 89 13.75 3.88 -14.60
N GLN D 90 12.84 3.17 -13.96
CA GLN D 90 12.02 2.18 -14.66
C GLN D 90 12.81 1.08 -15.35
N LYS D 91 13.97 0.72 -14.81
CA LYS D 91 14.75 -0.35 -15.42
C LYS D 91 14.04 -1.69 -15.18
N GLY D 92 12.97 -1.67 -14.42
CA GLY D 92 12.20 -2.88 -14.15
C GLY D 92 12.97 -4.15 -13.79
N PHE D 93 12.67 -5.22 -14.51
CA PHE D 93 13.32 -6.51 -14.29
C PHE D 93 14.82 -6.42 -14.46
N GLU D 94 15.28 -5.37 -15.12
CA GLU D 94 16.70 -5.16 -15.32
C GLU D 94 17.25 -4.42 -14.12
N ASP D 95 16.53 -4.47 -13.00
CA ASP D 95 16.93 -3.80 -11.77
C ASP D 95 17.07 -4.77 -10.60
N SER D 96 18.03 -4.50 -9.73
CA SER D 96 18.30 -5.33 -8.55
C SER D 96 17.03 -5.51 -7.69
N ARG D 97 16.20 -4.47 -7.66
CA ARG D 97 14.97 -4.52 -6.90
C ARG D 97 13.85 -4.82 -7.87
N GLY D 98 14.21 -4.96 -9.15
CA GLY D 98 13.23 -5.23 -10.20
C GLY D 98 12.67 -6.64 -10.29
N THR D 99 13.44 -7.64 -9.90
CA THR D 99 12.95 -9.00 -9.95
C THR D 99 12.00 -9.23 -8.77
N LEU D 100 12.46 -9.97 -7.75
CA LEU D 100 11.66 -10.26 -6.55
C LEU D 100 10.37 -11.04 -6.82
N PHE D 101 9.70 -10.73 -7.93
CA PHE D 101 8.47 -11.42 -8.30
C PHE D 101 8.78 -12.85 -8.65
N PHE D 102 9.97 -13.09 -9.18
CA PHE D 102 10.34 -14.44 -9.55
C PHE D 102 10.53 -15.25 -8.28
N ASP D 103 10.70 -14.56 -7.16
CA ASP D 103 10.83 -15.25 -5.89
C ASP D 103 9.40 -15.59 -5.47
N ILE D 104 8.47 -14.67 -5.78
CA ILE D 104 7.07 -14.91 -5.44
C ILE D 104 6.67 -16.16 -6.21
N ALA D 105 7.00 -16.21 -7.49
CA ALA D 105 6.68 -17.34 -8.36
C ALA D 105 7.36 -18.64 -7.89
N ARG D 106 8.61 -18.51 -7.46
CA ARG D 106 9.37 -19.65 -6.98
C ARG D 106 8.64 -20.31 -5.81
N ILE D 107 8.05 -19.48 -4.96
CA ILE D 107 7.35 -19.96 -3.77
C ILE D 107 5.98 -20.54 -4.08
N VAL D 108 5.26 -19.97 -5.04
CA VAL D 108 3.95 -20.50 -5.40
C VAL D 108 4.15 -21.88 -6.02
N ARG D 109 5.08 -21.98 -6.96
CA ARG D 109 5.34 -23.26 -7.61
C ARG D 109 5.50 -24.39 -6.58
N GLU D 110 6.10 -24.09 -5.43
CA GLU D 110 6.33 -25.11 -4.41
C GLU D 110 5.21 -25.23 -3.39
N LYS D 111 4.50 -24.14 -3.14
CA LYS D 111 3.46 -24.15 -2.12
C LYS D 111 2.05 -24.24 -2.67
N LYS D 112 1.89 -23.99 -3.96
CA LYS D 112 0.58 -24.02 -4.59
C LYS D 112 -0.58 -23.62 -3.69
N PRO D 113 -0.56 -22.36 -3.19
CA PRO D 113 -1.62 -21.84 -2.32
C PRO D 113 -2.87 -21.48 -3.14
N LYS D 114 -4.04 -21.63 -2.54
CA LYS D 114 -5.27 -21.33 -3.24
C LYS D 114 -5.28 -19.96 -3.91
N VAL D 115 -4.69 -18.96 -3.25
CA VAL D 115 -4.72 -17.61 -3.79
C VAL D 115 -3.39 -16.86 -3.65
N VAL D 116 -3.13 -15.99 -4.62
CA VAL D 116 -1.94 -15.16 -4.64
C VAL D 116 -2.42 -13.72 -4.73
N PHE D 117 -2.25 -12.98 -3.64
CA PHE D 117 -2.70 -11.61 -3.54
C PHE D 117 -1.48 -10.69 -3.59
N MET D 118 -1.29 -10.00 -4.72
CA MET D 118 -0.14 -9.10 -4.88
C MET D 118 -0.50 -7.63 -5.02
N GLU D 119 0.51 -6.76 -4.99
CA GLU D 119 0.31 -5.31 -5.10
C GLU D 119 1.58 -4.60 -5.60
N ASN D 120 1.40 -3.52 -6.35
CA ASN D 120 2.51 -2.75 -6.90
C ASN D 120 1.98 -1.41 -7.40
N VAL D 121 2.85 -0.55 -7.92
CA VAL D 121 2.43 0.75 -8.41
C VAL D 121 1.62 0.66 -9.71
N LYS D 122 0.81 1.68 -9.97
CA LYS D 122 -0.05 1.77 -11.14
C LYS D 122 0.70 1.64 -12.45
N ASN D 123 1.84 2.31 -12.52
CA ASN D 123 2.67 2.30 -13.72
C ASN D 123 3.08 0.89 -14.13
N PHE D 124 3.10 -0.03 -13.16
CA PHE D 124 3.45 -1.42 -13.36
C PHE D 124 2.54 -2.06 -14.42
N ALA D 125 1.35 -1.50 -14.59
CA ALA D 125 0.39 -2.04 -15.53
C ALA D 125 0.66 -1.66 -16.98
N SER D 126 1.47 -0.62 -17.18
CA SER D 126 1.77 -0.18 -18.53
C SER D 126 3.27 -0.20 -18.81
N HIS D 127 4.06 -0.35 -17.74
CA HIS D 127 5.52 -0.40 -17.83
C HIS D 127 5.97 -1.30 -18.96
N ASP D 128 6.99 -0.85 -19.68
CA ASP D 128 7.54 -1.60 -20.81
C ASP D 128 6.40 -2.10 -21.72
N ASN D 129 5.64 -1.15 -22.25
CA ASN D 129 4.50 -1.45 -23.13
C ASN D 129 3.64 -2.60 -22.64
N GLY D 130 3.37 -2.64 -21.35
CA GLY D 130 2.53 -3.68 -20.78
C GLY D 130 3.13 -5.06 -20.84
N ASN D 131 4.37 -5.14 -21.30
CA ASN D 131 5.03 -6.41 -21.42
C ASN D 131 5.44 -6.98 -20.06
N THR D 132 5.81 -6.11 -19.11
CA THR D 132 6.22 -6.61 -17.81
C THR D 132 5.00 -7.11 -17.02
N LEU D 133 3.82 -6.55 -17.28
CA LEU D 133 2.61 -7.01 -16.60
C LEU D 133 2.20 -8.33 -17.24
N GLU D 134 2.47 -8.45 -18.53
CA GLU D 134 2.15 -9.65 -19.27
C GLU D 134 2.98 -10.83 -18.77
N VAL D 135 4.20 -10.53 -18.34
CA VAL D 135 5.11 -11.54 -17.83
C VAL D 135 4.59 -12.09 -16.51
N VAL D 136 4.05 -11.21 -15.67
CA VAL D 136 3.52 -11.66 -14.39
C VAL D 136 2.34 -12.56 -14.70
N LYS D 137 1.48 -12.09 -15.60
CA LYS D 137 0.29 -12.84 -16.01
C LYS D 137 0.61 -14.21 -16.58
N ASN D 138 1.50 -14.25 -17.57
CA ASN D 138 1.87 -15.52 -18.20
C ASN D 138 2.53 -16.44 -17.20
N THR D 139 3.38 -15.88 -16.35
CA THR D 139 4.05 -16.68 -15.32
C THR D 139 3.00 -17.38 -14.47
N MET D 140 2.04 -16.60 -13.97
CA MET D 140 0.99 -17.13 -13.13
C MET D 140 0.20 -18.25 -13.77
N ASN D 141 -0.28 -18.03 -14.98
CA ASN D 141 -1.04 -19.07 -15.66
C ASN D 141 -0.20 -20.34 -15.74
N GLU D 142 1.07 -20.19 -16.11
CA GLU D 142 1.97 -21.34 -16.21
C GLU D 142 1.85 -22.18 -14.95
N LEU D 143 1.79 -21.50 -13.81
CA LEU D 143 1.70 -22.18 -12.52
C LEU D 143 0.29 -22.70 -12.24
N ASP D 144 -0.63 -22.36 -13.14
CA ASP D 144 -2.01 -22.80 -13.08
C ASP D 144 -2.96 -21.98 -12.22
N TYR D 145 -2.91 -20.67 -12.41
CA TYR D 145 -3.79 -19.77 -11.69
C TYR D 145 -4.41 -18.82 -12.69
N SER D 146 -5.58 -18.30 -12.35
CA SER D 146 -6.23 -17.33 -13.21
C SER D 146 -5.48 -16.04 -12.88
N PHE D 147 -5.91 -14.93 -13.46
CA PHE D 147 -5.22 -13.69 -13.18
C PHE D 147 -6.16 -12.51 -13.29
N HIS D 148 -6.34 -11.81 -12.18
CA HIS D 148 -7.20 -10.65 -12.14
C HIS D 148 -6.34 -9.50 -11.62
N ALA D 149 -6.09 -8.52 -12.49
CA ALA D 149 -5.29 -7.36 -12.13
C ALA D 149 -6.14 -6.13 -12.40
N LYS D 150 -5.92 -5.08 -11.62
CA LYS D 150 -6.67 -3.85 -11.78
C LYS D 150 -6.14 -2.72 -10.91
N VAL D 151 -6.03 -1.53 -11.48
CA VAL D 151 -5.54 -0.38 -10.75
C VAL D 151 -6.65 0.41 -10.08
N LEU D 152 -6.56 0.54 -8.77
CA LEU D 152 -7.57 1.28 -8.02
C LEU D 152 -6.94 2.51 -7.33
N ASN D 153 -7.80 3.48 -7.03
CA ASN D 153 -7.38 4.71 -6.38
C ASN D 153 -8.07 4.75 -5.02
N ALA D 154 -7.29 4.94 -3.95
CA ALA D 154 -7.83 4.99 -2.59
C ALA D 154 -8.92 6.03 -2.36
N LEU D 155 -8.94 7.09 -3.18
CA LEU D 155 -9.94 8.14 -3.02
C LEU D 155 -11.32 7.61 -3.36
N ASP D 156 -11.40 6.32 -3.69
CA ASP D 156 -12.67 5.70 -4.03
C ASP D 156 -13.17 4.71 -2.99
N TYR D 157 -12.38 4.49 -1.94
CA TYR D 157 -12.78 3.56 -0.90
C TYR D 157 -12.74 4.16 0.50
N GLY D 158 -13.06 5.45 0.55
CA GLY D 158 -13.11 6.18 1.80
C GLY D 158 -11.81 6.73 2.35
N ILE D 159 -10.72 6.67 1.58
CA ILE D 159 -9.46 7.21 2.08
C ILE D 159 -9.02 8.41 1.27
N PRO D 160 -8.89 9.57 1.94
CA PRO D 160 -8.47 10.82 1.29
C PRO D 160 -7.01 10.82 0.85
N GLN D 161 -6.70 9.99 -0.14
CA GLN D 161 -5.34 9.91 -0.68
C GLN D 161 -5.35 9.43 -2.14
N LYS D 162 -4.81 10.27 -3.01
CA LYS D 162 -4.73 10.00 -4.44
C LYS D 162 -3.81 8.82 -4.76
N ARG D 163 -3.64 7.91 -3.81
CA ARG D 163 -2.76 6.75 -4.00
C ARG D 163 -3.31 5.65 -4.89
N GLU D 164 -2.69 5.49 -6.06
CA GLU D 164 -3.10 4.48 -7.03
C GLU D 164 -2.17 3.26 -6.92
N ALA D 165 -2.72 2.10 -7.24
CA ALA D 165 -1.94 0.86 -7.17
C ALA D 165 -2.57 -0.21 -8.04
N ILE D 166 -1.75 -1.14 -8.50
CA ILE D 166 -2.25 -2.24 -9.29
C ILE D 166 -2.44 -3.37 -8.31
N TYR D 167 -3.57 -4.05 -8.40
CA TYR D 167 -3.88 -5.17 -7.52
C TYR D 167 -4.09 -6.42 -8.36
N MET D 168 -3.31 -7.46 -8.09
CA MET D 168 -3.41 -8.69 -8.86
C MET D 168 -3.83 -9.88 -8.00
N ILE D 169 -5.02 -10.39 -8.27
CA ILE D 169 -5.55 -11.49 -7.50
C ILE D 169 -5.46 -12.75 -8.35
N CYS D 170 -4.95 -13.82 -7.77
CA CYS D 170 -4.79 -15.08 -8.51
C CYS D 170 -5.40 -16.28 -7.82
N PHE D 171 -6.30 -16.96 -8.53
CA PHE D 171 -6.97 -18.14 -7.99
C PHE D 171 -6.44 -19.38 -8.67
N ARG D 172 -6.32 -20.46 -7.91
CA ARG D 172 -5.84 -21.72 -8.48
C ARG D 172 -6.93 -22.21 -9.44
N ASN D 173 -6.53 -22.89 -10.52
CA ASN D 173 -7.48 -23.37 -11.51
C ASN D 173 -8.40 -24.47 -11.00
N ASP D 174 -7.86 -25.43 -10.26
CA ASP D 174 -8.72 -26.51 -9.79
C ASP D 174 -9.89 -26.01 -8.96
N LEU D 175 -9.87 -24.73 -8.62
CA LEU D 175 -10.93 -24.12 -7.82
C LEU D 175 -12.02 -23.48 -8.66
N ASN D 176 -11.75 -23.38 -9.97
CA ASN D 176 -12.69 -22.79 -10.92
C ASN D 176 -13.44 -21.61 -10.32
N ILE D 177 -12.70 -20.63 -9.83
CA ILE D 177 -13.28 -19.43 -9.25
C ILE D 177 -13.61 -18.48 -10.39
N GLN D 178 -14.89 -18.24 -10.63
CA GLN D 178 -15.28 -17.38 -11.73
C GLN D 178 -16.03 -16.14 -11.34
N ASN D 179 -16.28 -15.96 -10.05
CA ASN D 179 -17.01 -14.79 -9.65
C ASN D 179 -16.21 -13.77 -8.85
N PHE D 180 -14.92 -13.65 -9.13
CA PHE D 180 -14.13 -12.66 -8.39
C PHE D 180 -14.37 -11.26 -8.97
N GLN D 181 -14.50 -10.29 -8.07
CA GLN D 181 -14.72 -8.93 -8.51
C GLN D 181 -14.06 -7.95 -7.57
N PHE D 182 -13.56 -6.86 -8.15
CA PHE D 182 -12.91 -5.81 -7.39
C PHE D 182 -14.00 -5.00 -6.69
N PRO D 183 -13.66 -4.37 -5.56
CA PRO D 183 -14.64 -3.58 -4.82
C PRO D 183 -15.20 -2.41 -5.64
N LYS D 184 -16.49 -2.13 -5.49
CA LYS D 184 -17.08 -1.01 -6.21
C LYS D 184 -16.77 0.30 -5.49
N PRO D 185 -16.49 1.35 -6.25
CA PRO D 185 -16.18 2.66 -5.68
C PRO D 185 -17.39 3.29 -4.99
N PHE D 186 -17.14 4.30 -4.18
CA PHE D 186 -18.20 5.01 -3.49
C PHE D 186 -17.72 6.39 -3.10
N GLU D 187 -18.66 7.30 -2.88
CA GLU D 187 -18.36 8.69 -2.53
C GLU D 187 -17.44 8.85 -1.32
N LEU D 188 -16.44 9.72 -1.46
CA LEU D 188 -15.52 9.96 -0.36
C LEU D 188 -16.08 11.06 0.56
N ASN D 189 -16.07 10.84 1.87
CA ASN D 189 -16.59 11.87 2.77
C ASN D 189 -15.69 12.12 3.96
N THR D 190 -14.40 11.94 3.73
CA THR D 190 -13.37 12.19 4.72
C THR D 190 -12.27 12.89 3.92
N PHE D 191 -11.64 13.90 4.51
CA PHE D 191 -10.60 14.64 3.81
C PHE D 191 -9.39 14.85 4.71
N VAL D 192 -8.33 15.41 4.14
CA VAL D 192 -7.11 15.61 4.91
C VAL D 192 -7.28 16.29 6.27
N LYS D 193 -8.12 17.32 6.33
CA LYS D 193 -8.31 18.05 7.59
C LYS D 193 -8.96 17.21 8.68
N ASP D 194 -9.62 16.13 8.27
CA ASP D 194 -10.30 15.25 9.19
C ASP D 194 -9.35 14.26 9.87
N LEU D 195 -8.11 14.18 9.39
CA LEU D 195 -7.14 13.23 9.96
C LEU D 195 -6.00 13.93 10.66
N LEU D 196 -5.95 15.26 10.54
CA LEU D 196 -4.89 16.04 11.15
C LEU D 196 -4.91 16.07 12.68
N LEU D 197 -3.77 16.38 13.27
CA LEU D 197 -3.63 16.47 14.71
C LEU D 197 -3.70 17.94 15.14
N PRO D 198 -3.86 18.18 16.46
CA PRO D 198 -3.91 19.55 16.95
C PRO D 198 -2.56 20.20 16.68
N ASP D 199 -2.57 21.28 15.90
CA ASP D 199 -1.36 22.00 15.52
C ASP D 199 -0.37 22.15 16.66
N SER D 200 -0.87 21.93 17.87
CA SER D 200 -0.08 22.01 19.08
C SER D 200 1.01 20.94 19.07
N GLU D 201 0.64 19.75 18.60
CA GLU D 201 1.56 18.62 18.54
C GLU D 201 2.46 18.56 17.31
N VAL D 202 2.30 19.50 16.39
CA VAL D 202 3.11 19.45 15.19
C VAL D 202 3.82 20.75 14.87
N GLU D 203 3.93 21.64 15.84
CA GLU D 203 4.59 22.92 15.58
C GLU D 203 6.04 22.72 15.14
N HIS D 204 6.62 21.57 15.44
CA HIS D 204 8.00 21.28 15.05
C HIS D 204 8.11 20.90 13.56
N LEU D 205 6.98 20.54 12.95
CA LEU D 205 6.96 20.19 11.53
C LEU D 205 6.80 21.44 10.67
N VAL D 206 6.30 22.52 11.27
CA VAL D 206 6.09 23.75 10.52
C VAL D 206 7.38 24.27 9.89
N ILE D 207 7.22 24.82 8.68
CA ILE D 207 8.33 25.38 7.93
C ILE D 207 7.93 26.74 7.40
N ASP D 208 8.90 27.64 7.26
CA ASP D 208 8.63 29.00 6.75
C ASP D 208 9.65 29.43 5.70
N ARG D 209 9.37 29.12 4.43
CA ARG D 209 10.24 29.47 3.32
C ARG D 209 9.86 30.82 2.72
N LYS D 210 10.78 31.78 2.76
CA LYS D 210 10.49 33.09 2.21
C LYS D 210 10.38 33.02 0.68
N ASP D 211 10.49 31.82 0.13
CA ASP D 211 10.38 31.64 -1.31
C ASP D 211 9.07 30.91 -1.59
N LEU D 212 8.15 30.98 -0.63
CA LEU D 212 6.84 30.36 -0.75
C LEU D 212 6.09 31.16 -1.79
N VAL D 213 5.34 30.47 -2.64
CA VAL D 213 4.56 31.14 -3.66
C VAL D 213 3.18 30.52 -3.78
N MET D 214 2.17 31.25 -3.32
CA MET D 214 0.79 30.80 -3.42
C MET D 214 0.40 30.91 -4.89
N THR D 215 -0.34 29.93 -5.41
CA THR D 215 -0.73 29.96 -6.80
C THR D 215 -2.24 29.79 -6.94
N ASN D 216 -2.92 29.72 -5.80
CA ASN D 216 -4.36 29.54 -5.77
C ASN D 216 -4.94 29.85 -4.39
N GLN D 217 -6.15 30.39 -4.39
CA GLN D 217 -6.83 30.73 -3.15
C GLN D 217 -7.40 29.48 -2.48
N GLU D 218 -7.45 29.52 -1.15
CA GLU D 218 -7.98 28.41 -0.37
C GLU D 218 -9.42 28.18 -0.79
N ILE D 219 -9.82 26.91 -0.81
CA ILE D 219 -11.17 26.54 -1.21
C ILE D 219 -12.11 26.50 -0.03
N GLU D 220 -13.39 26.58 -0.34
CA GLU D 220 -14.48 26.56 0.62
C GLU D 220 -14.94 25.12 0.98
N GLN D 221 -15.48 24.42 -0.01
CA GLN D 221 -15.97 23.07 0.18
C GLN D 221 -14.83 22.05 0.07
N THR D 222 -15.11 20.86 0.54
CA THR D 222 -14.15 19.78 0.47
C THR D 222 -14.30 19.11 -0.91
N THR D 223 -13.29 18.36 -1.33
CA THR D 223 -13.36 17.66 -2.61
C THR D 223 -12.51 16.40 -2.63
N PRO D 224 -12.95 15.40 -3.39
CA PRO D 224 -12.24 14.12 -3.52
C PRO D 224 -11.12 14.23 -4.54
N LYS D 225 -10.29 15.27 -4.42
CA LYS D 225 -9.16 15.49 -5.30
C LYS D 225 -8.10 16.30 -4.60
N THR D 226 -6.93 16.44 -5.22
CA THR D 226 -5.87 17.22 -4.61
C THR D 226 -5.88 18.64 -5.16
N VAL D 227 -6.02 19.61 -4.27
CA VAL D 227 -6.03 20.99 -4.68
C VAL D 227 -4.76 21.71 -4.20
N ARG D 228 -3.92 22.09 -5.17
CA ARG D 228 -2.67 22.79 -4.87
C ARG D 228 -2.94 24.26 -4.51
N LEU D 229 -2.18 24.78 -3.56
CA LEU D 229 -2.35 26.16 -3.15
C LEU D 229 -1.10 26.96 -3.43
N GLY D 230 0.04 26.30 -3.35
CA GLY D 230 1.29 27.00 -3.60
C GLY D 230 2.46 26.12 -3.95
N ILE D 231 3.60 26.77 -4.14
CA ILE D 231 4.85 26.14 -4.51
C ILE D 231 6.00 26.76 -3.74
N VAL D 232 7.01 25.95 -3.45
CA VAL D 232 8.19 26.43 -2.76
C VAL D 232 9.28 25.94 -3.70
N GLY D 233 10.42 26.62 -3.73
CA GLY D 233 11.48 26.21 -4.62
C GLY D 233 11.04 26.21 -6.08
N LYS D 234 11.39 25.17 -6.82
CA LYS D 234 11.00 25.09 -8.22
C LYS D 234 9.74 24.25 -8.38
N GLY D 235 9.06 24.02 -7.25
CA GLY D 235 7.84 23.24 -7.28
C GLY D 235 7.98 21.77 -7.63
N GLY D 236 9.19 21.22 -7.54
CA GLY D 236 9.38 19.81 -7.85
C GLY D 236 8.72 18.94 -6.80
N GLN D 237 9.00 17.65 -6.83
CA GLN D 237 8.42 16.75 -5.86
C GLN D 237 8.85 17.18 -4.46
N GLY D 238 7.91 17.25 -3.53
CA GLY D 238 8.23 17.64 -2.17
C GLY D 238 8.33 19.14 -2.02
N GLU D 239 8.02 19.87 -3.09
CA GLU D 239 8.07 21.32 -3.10
C GLU D 239 6.70 21.89 -3.51
N ARG D 240 5.62 21.17 -3.18
CA ARG D 240 4.28 21.61 -3.53
C ARG D 240 3.32 21.56 -2.34
N ILE D 241 2.69 22.69 -2.05
CA ILE D 241 1.75 22.77 -0.94
C ILE D 241 0.31 22.53 -1.38
N TYR D 242 -0.40 21.70 -0.63
CA TYR D 242 -1.78 21.37 -0.95
C TYR D 242 -2.75 21.77 0.16
N SER D 243 -4.04 21.71 -0.15
CA SER D 243 -5.06 22.07 0.81
C SER D 243 -5.54 20.86 1.64
N THR D 244 -5.84 21.11 2.91
CA THR D 244 -6.32 20.07 3.79
C THR D 244 -7.81 19.95 3.52
N ARG D 245 -8.30 20.86 2.68
CA ARG D 245 -9.70 20.90 2.30
C ARG D 245 -9.97 19.87 1.21
N GLY D 246 -8.91 19.46 0.52
CA GLY D 246 -9.01 18.45 -0.53
C GLY D 246 -8.42 17.16 0.02
N ILE D 247 -7.87 16.31 -0.84
CA ILE D 247 -7.29 15.05 -0.37
C ILE D 247 -5.76 15.10 -0.33
N ALA D 248 -5.15 14.03 0.17
CA ALA D 248 -3.69 13.91 0.27
C ALA D 248 -3.04 13.24 -0.96
N ILE D 249 -1.82 13.66 -1.30
CA ILE D 249 -1.11 13.10 -2.44
C ILE D 249 -0.53 11.74 -2.10
N THR D 250 0.19 11.14 -3.04
CA THR D 250 0.78 9.85 -2.78
C THR D 250 1.92 10.04 -1.80
N LEU D 251 1.98 9.16 -0.81
CA LEU D 251 3.05 9.17 0.19
C LEU D 251 4.17 8.32 -0.43
N SER D 252 5.37 8.87 -0.54
CA SER D 252 6.48 8.12 -1.13
C SER D 252 7.52 7.68 -0.11
N ALA D 253 8.18 6.58 -0.40
CA ALA D 253 9.20 6.01 0.49
C ALA D 253 10.59 6.63 0.33
N TYR D 254 10.89 7.13 -0.87
CA TYR D 254 12.20 7.74 -1.14
C TYR D 254 12.11 9.15 -1.68
N GLY D 255 10.90 9.68 -1.77
CA GLY D 255 10.72 11.02 -2.26
C GLY D 255 11.59 12.03 -1.55
N GLY D 256 12.01 13.04 -2.30
CA GLY D 256 12.83 14.09 -1.74
C GLY D 256 12.07 15.38 -1.53
N GLY D 257 12.71 16.51 -1.79
CA GLY D 257 12.06 17.78 -1.59
C GLY D 257 12.05 18.15 -0.12
N ILE D 258 11.92 19.44 0.15
CA ILE D 258 11.90 19.92 1.54
C ILE D 258 10.78 19.28 2.35
N PHE D 259 9.63 19.05 1.71
CA PHE D 259 8.48 18.41 2.35
C PHE D 259 8.56 16.91 2.01
N ALA D 260 9.76 16.36 2.13
CA ALA D 260 10.06 14.96 1.81
C ALA D 260 9.08 13.85 2.22
N LYS D 261 8.61 13.12 1.20
CA LYS D 261 7.70 11.99 1.31
C LYS D 261 6.21 12.22 1.60
N THR D 262 5.87 13.18 2.44
CA THR D 262 4.46 13.40 2.75
C THR D 262 3.84 14.49 1.88
N GLY D 263 4.66 15.47 1.53
CA GLY D 263 4.18 16.59 0.73
C GLY D 263 3.89 17.73 1.68
N GLY D 264 3.59 18.91 1.13
CA GLY D 264 3.29 20.05 1.97
C GLY D 264 1.82 20.38 2.07
N TYR D 265 1.37 20.78 3.26
CA TYR D 265 -0.02 21.15 3.46
C TYR D 265 -0.14 22.46 4.20
N LEU D 266 -1.07 23.30 3.75
CA LEU D 266 -1.29 24.60 4.39
C LEU D 266 -2.24 24.41 5.54
N VAL D 267 -1.68 24.26 6.74
CA VAL D 267 -2.46 24.05 7.94
C VAL D 267 -2.42 25.29 8.82
N ASN D 268 -3.58 25.90 9.01
CA ASN D 268 -3.68 27.12 9.81
C ASN D 268 -2.69 28.17 9.29
N GLY D 269 -2.69 28.35 7.97
CA GLY D 269 -1.81 29.32 7.34
C GLY D 269 -0.37 28.94 7.55
N LYS D 270 -0.14 27.79 8.17
CA LYS D 270 1.21 27.30 8.42
C LYS D 270 1.53 26.29 7.33
N THR D 271 2.73 26.37 6.78
CA THR D 271 3.11 25.44 5.73
C THR D 271 3.88 24.29 6.37
N ARG D 272 3.45 23.05 6.11
CA ARG D 272 4.15 21.91 6.71
C ARG D 272 3.85 20.55 6.10
N LYS D 273 4.73 19.60 6.40
CA LYS D 273 4.55 18.24 5.92
C LYS D 273 3.73 17.54 7.00
N LEU D 274 3.27 16.33 6.73
CA LEU D 274 2.47 15.59 7.69
C LEU D 274 3.28 14.92 8.80
N HIS D 275 2.58 14.54 9.86
CA HIS D 275 3.16 13.86 11.01
C HIS D 275 3.00 12.37 10.68
N PRO D 276 3.89 11.50 11.21
CA PRO D 276 3.80 10.06 10.96
C PRO D 276 2.42 9.48 11.25
N ARG D 277 1.85 9.88 12.38
CA ARG D 277 0.52 9.42 12.81
C ARG D 277 -0.49 9.74 11.75
N GLU D 278 -0.40 10.93 11.21
CA GLU D 278 -1.32 11.36 10.16
C GLU D 278 -1.12 10.52 8.92
N CYS D 279 0.13 10.15 8.62
CA CYS D 279 0.38 9.33 7.44
C CYS D 279 -0.32 8.00 7.64
N ALA D 280 -0.21 7.48 8.86
CA ALA D 280 -0.85 6.23 9.23
C ALA D 280 -2.32 6.29 8.87
N ARG D 281 -3.00 7.32 9.37
CA ARG D 281 -4.43 7.49 9.10
C ARG D 281 -4.70 7.62 7.62
N VAL D 282 -3.81 8.31 6.92
CA VAL D 282 -3.93 8.51 5.49
C VAL D 282 -3.82 7.17 4.75
N MET D 283 -3.18 6.20 5.39
CA MET D 283 -2.99 4.87 4.81
C MET D 283 -4.03 3.91 5.37
N GLY D 284 -5.00 4.47 6.09
CA GLY D 284 -6.05 3.66 6.67
C GLY D 284 -5.59 2.82 7.85
N TYR D 285 -4.50 3.22 8.50
CA TYR D 285 -3.97 2.49 9.66
C TYR D 285 -4.61 2.92 10.99
N PRO D 286 -4.96 1.95 11.86
CA PRO D 286 -5.57 2.21 13.16
C PRO D 286 -4.61 2.96 14.08
N ASP D 287 -5.15 3.87 14.90
CA ASP D 287 -4.31 4.66 15.82
C ASP D 287 -3.58 3.81 16.83
N SER D 288 -4.02 2.57 17.01
CA SER D 288 -3.37 1.67 17.96
C SER D 288 -2.07 1.18 17.39
N TYR D 289 -1.90 1.33 16.08
CA TYR D 289 -0.67 0.91 15.42
C TYR D 289 0.48 1.79 15.89
N LYS D 290 1.55 1.15 16.36
CA LYS D 290 2.72 1.86 16.85
C LYS D 290 3.68 2.13 15.70
N VAL D 291 4.02 3.40 15.52
CA VAL D 291 4.92 3.79 14.45
C VAL D 291 6.35 3.68 14.93
N HIS D 292 7.26 3.46 14.00
CA HIS D 292 8.68 3.32 14.30
C HIS D 292 9.20 4.60 14.94
N PRO D 293 10.05 4.47 15.97
CA PRO D 293 10.61 5.63 16.66
C PRO D 293 11.29 6.65 15.72
N SER D 294 12.02 6.15 14.72
CA SER D 294 12.67 7.04 13.76
C SER D 294 11.61 7.50 12.78
N THR D 295 11.36 8.81 12.74
CA THR D 295 10.34 9.35 11.86
C THR D 295 10.72 9.21 10.38
N SER D 296 11.99 9.40 10.06
CA SER D 296 12.44 9.28 8.67
C SER D 296 12.08 7.89 8.16
N GLN D 297 12.33 6.87 8.98
CA GLN D 297 12.00 5.50 8.62
C GLN D 297 10.50 5.32 8.56
N ALA D 298 9.79 5.94 9.50
CA ALA D 298 8.34 5.87 9.57
C ALA D 298 7.69 6.41 8.31
N TYR D 299 8.14 7.57 7.85
CA TYR D 299 7.59 8.16 6.63
C TYR D 299 7.92 7.19 5.50
N LYS D 300 9.13 6.67 5.57
CA LYS D 300 9.63 5.72 4.59
C LYS D 300 8.76 4.48 4.51
N GLN D 301 8.33 3.98 5.67
CA GLN D 301 7.52 2.77 5.74
C GLN D 301 6.10 2.99 5.26
N PHE D 302 5.48 4.08 5.67
CA PHE D 302 4.13 4.38 5.23
C PHE D 302 4.27 4.78 3.76
N GLY D 303 5.47 5.24 3.43
CA GLY D 303 5.74 5.64 2.06
C GLY D 303 5.52 4.48 1.11
N ASN D 304 6.09 3.31 1.40
CA ASN D 304 5.87 2.21 0.47
C ASN D 304 4.94 1.12 0.98
N SER D 305 4.00 1.50 1.84
CA SER D 305 3.03 0.57 2.39
C SER D 305 1.78 0.49 1.52
N VAL D 306 0.70 -0.04 2.08
CA VAL D 306 -0.54 -0.17 1.35
C VAL D 306 -1.70 0.40 2.15
N VAL D 307 -2.77 0.81 1.50
CA VAL D 307 -3.90 1.37 2.22
C VAL D 307 -4.81 0.25 2.75
N ILE D 308 -4.82 0.10 4.07
CA ILE D 308 -5.62 -0.94 4.73
C ILE D 308 -7.01 -1.16 4.14
N ASN D 309 -7.80 -0.09 4.12
CA ASN D 309 -9.17 -0.14 3.61
C ASN D 309 -9.35 -0.86 2.29
N VAL D 310 -8.57 -0.50 1.28
CA VAL D 310 -8.69 -1.15 -0.01
C VAL D 310 -8.42 -2.64 0.10
N LEU D 311 -7.39 -3.00 0.87
CA LEU D 311 -7.05 -4.41 1.04
C LEU D 311 -8.20 -5.17 1.70
N GLN D 312 -8.82 -4.53 2.70
CA GLN D 312 -9.95 -5.13 3.40
C GLN D 312 -11.09 -5.46 2.45
N TYR D 313 -11.45 -4.50 1.59
CA TYR D 313 -12.53 -4.73 0.64
C TYR D 313 -12.15 -5.88 -0.27
N ILE D 314 -10.93 -5.87 -0.78
CA ILE D 314 -10.46 -6.92 -1.68
C ILE D 314 -10.40 -8.28 -0.99
N ALA D 315 -9.91 -8.32 0.25
CA ALA D 315 -9.82 -9.57 0.99
C ALA D 315 -11.22 -10.15 1.16
N TYR D 316 -12.18 -9.27 1.45
CA TYR D 316 -13.55 -9.69 1.62
C TYR D 316 -14.10 -10.38 0.39
N ASN D 317 -13.81 -9.83 -0.79
CA ASN D 317 -14.28 -10.40 -2.04
C ASN D 317 -13.62 -11.74 -2.33
N ILE D 318 -12.35 -11.83 -1.94
CA ILE D 318 -11.62 -13.06 -2.15
C ILE D 318 -12.30 -14.18 -1.37
N GLY D 319 -12.81 -13.87 -0.19
CA GLY D 319 -13.50 -14.86 0.61
C GLY D 319 -14.87 -15.18 0.04
N SER D 320 -15.62 -14.14 -0.28
CA SER D 320 -16.95 -14.30 -0.86
C SER D 320 -16.89 -15.21 -2.09
N SER D 321 -15.79 -15.15 -2.83
CA SER D 321 -15.62 -15.99 -4.00
C SER D 321 -15.27 -17.41 -3.56
N LEU D 322 -14.27 -17.52 -2.67
CA LEU D 322 -13.83 -18.81 -2.14
C LEU D 322 -14.95 -19.52 -1.39
N ASN D 323 -15.91 -18.73 -0.88
CA ASN D 323 -17.03 -19.27 -0.11
C ASN D 323 -18.28 -19.61 -0.90
N PHE D 324 -18.30 -19.30 -2.19
CA PHE D 324 -19.46 -19.61 -3.02
C PHE D 324 -19.26 -21.03 -3.56
N LYS D 325 -19.79 -22.02 -2.84
CA LYS D 325 -19.65 -23.41 -3.24
C LYS D 325 -20.98 -24.14 -3.41
N PRO D 326 -21.75 -23.78 -4.45
CA PRO D 326 -23.03 -24.46 -4.65
C PRO D 326 -22.90 -25.89 -5.20
N TYR D 327 -23.88 -26.73 -4.87
CA TYR D 327 -23.91 -28.11 -5.36
C TYR D 327 -24.21 -28.09 -6.86
N1 DCZ E . 4.05 3.97 -3.77
C2 DCZ E . 4.15 2.63 -3.40
N3 DCZ E . 3.14 1.78 -3.70
C4 DCZ E . 2.04 2.24 -4.32
C5 DCZ E . 1.88 3.62 -4.64
C6 DCZ E . 2.90 4.44 -4.35
O2 DCZ E . 5.15 2.26 -2.77
N4 DCZ E . 1.09 1.37 -4.66
C1' DCZ E . 5.21 4.85 -3.60
C2' DCZ E . 6.45 4.25 -4.23
C3' DCZ E . 7.03 5.35 -5.11
C4' DCZ E . 5.81 6.20 -5.45
O4' DCZ E . 4.91 6.05 -4.32
O3' DCZ E . 8.06 5.97 -4.35
C5' DCZ E . 5.10 5.79 -6.72
O5' DCZ E . 3.80 6.34 -6.99
N SAH F . 3.23 -4.85 2.03
CA SAH F . 4.16 -3.80 2.60
CB SAH F . 4.90 -2.89 1.68
CG SAH F . 5.73 -3.50 0.58
SD SAH F . 7.28 -2.54 0.52
C SAH F . 3.34 -2.94 3.64
O SAH F . 2.14 -3.21 3.85
OXT SAH F . 3.99 -1.99 4.22
C5' SAH F . 8.36 -3.70 -0.18
C4' SAH F . 9.25 -4.30 0.98
O4' SAH F . 10.10 -5.20 0.29
C3' SAH F . 10.18 -3.35 1.66
O3' SAH F . 9.80 -3.15 3.02
C2' SAH F . 11.59 -4.02 1.43
O2' SAH F . 12.48 -3.82 2.52
C1' SAH F . 11.22 -5.47 1.18
N9 SAH F . 12.11 -6.20 0.53
C8 SAH F . 12.84 -5.99 -0.63
N7 SAH F . 13.62 -6.95 -0.95
C5 SAH F . 13.45 -7.91 0.06
C6 SAH F . 14.07 -9.20 0.24
N6 SAH F . 14.98 -9.72 -0.59
N1 SAH F . 13.64 -9.89 1.36
C2 SAH F . 12.71 -9.39 2.22
N3 SAH F . 12.10 -8.15 2.08
C4 SAH F . 12.53 -7.48 0.98
#